data_1B3H
#
_entry.id   1B3H
#
_cell.length_a   109.673
_cell.length_b   75.574
_cell.length_c   70.187
_cell.angle_alpha   90.00
_cell.angle_beta   90.00
_cell.angle_gamma   90.00
#
_symmetry.space_group_name_H-M   'P 21 21 21'
#
loop_
_entity.id
_entity.type
_entity.pdbx_description
1 polymer 'PERIPLASMIC OLIGOPEPTIDE-BINDING PROTEIN'
2 polymer 'LYS-ALC-LYS PEPTIDE'
3 non-polymer 'URANIUM ATOM'
4 water water
#
loop_
_entity_poly.entity_id
_entity_poly.type
_entity_poly.pdbx_seq_one_letter_code
_entity_poly.pdbx_strand_id
1 'polypeptide(L)'
;ADVPAGVQLADKQTLVRNNGSEVQSLDPHKIEGVPESNVSRDLFEGLLISDVEGHPSPGVAEKWENKDFKVWTFHLRENA
KWSDGTPVTAHDFVYSWQRLADPNTASPYASYLQYGHIANIDDIIAGKKPATDLGVKALDDHTFEVTLSEPVPYFYKLLV
HPSVSPVPKSAVEKFGDKWTQPANIVTNGAYKLKNWVVNERIVLERNPQYWDNAKTVINQVTYLPISSEVTDVNRYRSGE
IDMTYNNMPIELFQKLKKEIPNEVRVDPYLCTYYYEINNQKAPFNDVRVRTALKLALDRDIIVNKVKNQGDLPAYSYTPP
YTDGAKLVEPEWFKWSQQKRNEEAKKLLAEAGFTADKPLTFDLLYNTSDLHKKLAIAVASIWKKNLGVNVNLENQEWKTF
LDTRHQGTFDVARAGWCADYNEPTSFLNTMLSDSSNNTAHYKSPAFDKLIADTLKVADDTQRSELYAKAEQQLDKDSAIV
PVYYYVNARLVKPWVGGYTGKDPLDNIYVKNLYIIKH
;
A
2 'polypeptide(L)' K(ALC)K B
#
loop_
_chem_comp.id
_chem_comp.type
_chem_comp.name
_chem_comp.formula
U1 non-polymer 'URANIUM ATOM' U
#
# COMPACT_ATOMS: atom_id res chain seq x y z
N ALA A 1 -6.59 -8.17 -21.41
CA ALA A 1 -5.70 -7.29 -22.18
C ALA A 1 -6.39 -6.86 -23.48
N ASP A 2 -6.03 -5.67 -23.92
CA ASP A 2 -6.56 -5.18 -25.23
C ASP A 2 -5.33 -5.05 -26.13
N VAL A 3 -5.04 -6.08 -26.90
CA VAL A 3 -3.82 -6.11 -27.73
C VAL A 3 -3.97 -5.26 -28.98
N PRO A 4 -3.18 -4.19 -29.11
CA PRO A 4 -3.22 -3.31 -30.25
C PRO A 4 -3.18 -4.00 -31.61
N ALA A 5 -3.92 -3.43 -32.59
CA ALA A 5 -3.98 -3.96 -33.95
C ALA A 5 -2.57 -4.10 -34.52
N GLY A 6 -2.21 -5.21 -35.15
CA GLY A 6 -0.85 -5.27 -35.70
C GLY A 6 0.26 -5.76 -34.80
N VAL A 7 0.07 -5.80 -33.47
CA VAL A 7 1.17 -6.37 -32.69
C VAL A 7 1.12 -7.88 -32.86
N GLN A 8 2.29 -8.47 -32.94
CA GLN A 8 2.45 -9.90 -33.09
C GLN A 8 2.77 -10.49 -31.72
N LEU A 9 1.99 -11.47 -31.26
CA LEU A 9 2.20 -12.04 -29.93
C LEU A 9 3.13 -13.24 -29.92
N ALA A 10 3.91 -13.32 -28.84
CA ALA A 10 4.79 -14.47 -28.68
C ALA A 10 3.93 -15.71 -28.66
N ASP A 11 4.51 -16.85 -29.06
CA ASP A 11 3.85 -18.14 -28.99
C ASP A 11 3.60 -18.39 -27.48
N LYS A 12 4.62 -18.17 -26.70
CA LYS A 12 4.60 -18.47 -25.27
C LYS A 12 4.20 -17.24 -24.45
N GLN A 13 3.05 -17.37 -23.81
CA GLN A 13 2.55 -16.22 -23.01
C GLN A 13 2.72 -16.40 -21.52
N THR A 14 3.94 -16.29 -21.03
CA THR A 14 4.31 -16.42 -19.63
C THR A 14 5.10 -15.18 -19.18
N LEU A 15 5.00 -14.87 -17.91
CA LEU A 15 5.59 -13.67 -17.36
C LEU A 15 6.25 -13.96 -16.02
N VAL A 16 7.39 -13.35 -15.78
CA VAL A 16 8.08 -13.53 -14.49
C VAL A 16 8.22 -12.11 -13.94
N ARG A 17 7.68 -11.88 -12.76
CA ARG A 17 7.75 -10.59 -12.08
C ARG A 17 8.42 -10.71 -10.73
N ASN A 18 9.31 -9.80 -10.36
CA ASN A 18 9.83 -9.88 -8.98
C ASN A 18 8.81 -9.16 -8.08
N ASN A 19 8.55 -9.65 -6.89
CA ASN A 19 7.55 -9.10 -5.99
C ASN A 19 8.10 -8.58 -4.68
N GLY A 20 9.39 -8.33 -4.59
CA GLY A 20 9.94 -7.69 -3.39
C GLY A 20 10.25 -8.58 -2.22
N SER A 21 9.41 -9.50 -1.79
CA SER A 21 9.63 -10.35 -0.65
C SER A 21 8.55 -11.45 -0.63
N GLU A 22 8.67 -12.35 0.31
CA GLU A 22 7.68 -13.37 0.55
C GLU A 22 6.41 -12.75 1.12
N VAL A 23 5.26 -13.05 0.48
CA VAL A 23 4.01 -12.48 0.90
C VAL A 23 3.74 -12.91 2.34
N GLN A 24 3.04 -12.06 3.08
CA GLN A 24 2.59 -12.39 4.41
C GLN A 24 1.57 -13.54 4.31
N SER A 25 0.69 -13.47 3.31
CA SER A 25 -0.39 -14.46 3.19
C SER A 25 -1.06 -14.32 1.83
N LEU A 26 -1.90 -15.29 1.42
CA LEU A 26 -2.70 -15.11 0.21
C LEU A 26 -4.17 -14.86 0.60
N ASP A 27 -4.43 -14.83 1.90
CA ASP A 27 -5.79 -14.53 2.43
C ASP A 27 -6.03 -13.05 2.40
N PRO A 28 -7.00 -12.56 1.60
CA PRO A 28 -7.24 -11.14 1.46
C PRO A 28 -7.49 -10.35 2.75
N HIS A 29 -7.91 -11.05 3.79
CA HIS A 29 -8.20 -10.48 5.09
C HIS A 29 -7.00 -10.54 6.03
N LYS A 30 -5.89 -11.12 5.59
CA LYS A 30 -4.71 -11.17 6.48
C LYS A 30 -3.55 -10.35 5.92
N ILE A 31 -3.77 -9.58 4.86
CA ILE A 31 -2.66 -8.88 4.19
C ILE A 31 -2.72 -7.36 4.27
N GLU A 32 -1.55 -6.72 4.10
CA GLU A 32 -1.56 -5.23 4.20
C GLU A 32 -0.52 -4.59 3.32
N GLY A 33 0.30 -5.34 2.57
CA GLY A 33 1.38 -4.72 1.81
C GLY A 33 1.28 -4.80 0.29
N VAL A 34 2.19 -4.09 -0.36
CA VAL A 34 2.28 -4.06 -1.84
C VAL A 34 2.56 -5.42 -2.44
N PRO A 35 3.54 -6.16 -1.94
CA PRO A 35 3.81 -7.51 -2.42
C PRO A 35 2.55 -8.35 -2.33
N GLU A 36 1.89 -8.34 -1.16
CA GLU A 36 0.68 -9.11 -0.94
C GLU A 36 -0.44 -8.74 -1.91
N SER A 37 -0.64 -7.42 -2.13
CA SER A 37 -1.70 -6.97 -3.03
C SER A 37 -1.34 -7.22 -4.50
N ASN A 38 -0.07 -7.26 -4.86
CA ASN A 38 0.34 -7.56 -6.24
C ASN A 38 -0.25 -8.91 -6.66
N VAL A 39 -0.04 -9.91 -5.80
CA VAL A 39 -0.57 -11.23 -6.06
C VAL A 39 -2.07 -11.28 -5.86
N SER A 40 -2.62 -10.60 -4.86
CA SER A 40 -4.08 -10.66 -4.59
C SER A 40 -4.93 -10.19 -5.78
N ARG A 41 -4.46 -9.19 -6.51
CA ARG A 41 -5.22 -8.72 -7.65
C ARG A 41 -5.33 -9.73 -8.79
N ASP A 42 -4.37 -10.64 -8.94
CA ASP A 42 -4.53 -11.66 -9.99
C ASP A 42 -5.48 -12.77 -9.54
N LEU A 43 -5.59 -13.01 -8.22
CA LEU A 43 -6.42 -14.09 -7.75
C LEU A 43 -7.82 -13.73 -7.27
N PHE A 44 -8.01 -12.65 -6.50
CA PHE A 44 -9.29 -12.29 -5.95
C PHE A 44 -9.79 -10.99 -6.57
N GLU A 45 -11.06 -10.99 -7.04
CA GLU A 45 -11.61 -9.78 -7.65
C GLU A 45 -12.85 -9.28 -6.91
N GLY A 46 -12.81 -8.02 -6.44
CA GLY A 46 -13.92 -7.42 -5.75
C GLY A 46 -14.94 -6.78 -6.72
N LEU A 47 -15.76 -5.90 -6.15
CA LEU A 47 -16.83 -5.19 -6.80
C LEU A 47 -16.32 -4.38 -8.00
N LEU A 48 -15.28 -3.59 -7.77
CA LEU A 48 -14.67 -2.79 -8.83
C LEU A 48 -13.19 -3.17 -8.92
N ILE A 49 -12.56 -2.89 -10.05
CA ILE A 49 -11.14 -3.11 -10.23
C ILE A 49 -10.58 -1.83 -10.86
N SER A 50 -9.28 -1.60 -10.85
CA SER A 50 -8.76 -0.48 -11.64
C SER A 50 -8.59 -0.94 -13.08
N ASP A 51 -8.85 -0.05 -14.07
CA ASP A 51 -8.54 -0.40 -15.44
C ASP A 51 -7.04 -0.24 -15.65
N VAL A 52 -6.46 -0.36 -16.83
CA VAL A 52 -5.04 -0.26 -17.10
C VAL A 52 -4.43 1.08 -16.80
N GLU A 53 -5.23 2.15 -16.72
CA GLU A 53 -4.70 3.45 -16.36
C GLU A 53 -5.09 3.77 -14.94
N GLY A 54 -5.64 2.84 -14.15
CA GLY A 54 -5.99 3.19 -12.77
C GLY A 54 -7.38 3.68 -12.43
N HIS A 55 -8.26 3.94 -13.41
CA HIS A 55 -9.61 4.38 -13.08
C HIS A 55 -10.46 3.25 -12.49
N PRO A 56 -11.24 3.54 -11.47
CA PRO A 56 -12.15 2.57 -10.87
C PRO A 56 -13.09 2.07 -11.93
N SER A 57 -13.29 0.77 -12.11
CA SER A 57 -14.05 0.19 -13.19
C SER A 57 -14.71 -1.11 -12.74
N PRO A 58 -15.63 -1.57 -13.58
CA PRO A 58 -16.39 -2.76 -13.25
C PRO A 58 -15.55 -3.95 -12.86
N GLY A 59 -15.86 -4.58 -11.72
CA GLY A 59 -15.11 -5.83 -11.41
C GLY A 59 -16.22 -6.90 -11.39
N VAL A 60 -16.52 -7.44 -10.20
CA VAL A 60 -17.67 -8.34 -10.15
C VAL A 60 -18.97 -7.58 -10.41
N ALA A 61 -19.02 -6.33 -9.97
CA ALA A 61 -20.16 -5.47 -10.20
C ALA A 61 -20.06 -4.89 -11.62
N GLU A 62 -21.08 -5.11 -12.45
CA GLU A 62 -21.00 -4.50 -13.79
C GLU A 62 -21.54 -3.09 -13.71
N LYS A 63 -22.39 -2.76 -12.72
CA LYS A 63 -22.86 -1.38 -12.63
C LYS A 63 -23.42 -1.09 -11.23
N TRP A 64 -23.44 0.18 -10.85
CA TRP A 64 -23.83 0.53 -9.48
C TRP A 64 -24.48 1.91 -9.40
N GLU A 65 -25.20 2.15 -8.30
CA GLU A 65 -25.83 3.43 -8.07
C GLU A 65 -25.67 3.74 -6.59
N ASN A 66 -25.92 5.01 -6.30
CA ASN A 66 -25.89 5.43 -4.91
C ASN A 66 -27.11 6.31 -4.65
N LYS A 67 -27.51 6.29 -3.40
CA LYS A 67 -28.55 7.19 -2.93
C LYS A 67 -27.94 8.09 -1.86
N ASP A 68 -27.83 9.38 -2.18
CA ASP A 68 -27.26 10.39 -1.31
C ASP A 68 -25.83 10.06 -0.81
N PHE A 69 -25.07 9.28 -1.58
CA PHE A 69 -23.73 8.80 -1.25
C PHE A 69 -23.76 8.00 0.04
N LYS A 70 -24.88 7.37 0.40
CA LYS A 70 -24.94 6.65 1.67
C LYS A 70 -25.36 5.21 1.51
N VAL A 71 -26.24 4.95 0.53
CA VAL A 71 -26.67 3.60 0.23
C VAL A 71 -26.21 3.31 -1.20
N TRP A 72 -25.29 2.36 -1.31
CA TRP A 72 -24.66 2.03 -2.58
C TRP A 72 -25.14 0.66 -3.03
N THR A 73 -25.70 0.59 -4.24
CA THR A 73 -26.21 -0.71 -4.71
C THR A 73 -25.40 -1.27 -5.87
N PHE A 74 -24.87 -2.47 -5.71
CA PHE A 74 -23.99 -2.98 -6.80
C PHE A 74 -24.65 -4.12 -7.57
N HIS A 75 -24.76 -4.03 -8.88
CA HIS A 75 -25.41 -5.06 -9.69
C HIS A 75 -24.34 -6.01 -10.24
N LEU A 76 -24.29 -7.23 -9.70
CA LEU A 76 -23.25 -8.18 -10.01
C LEU A 76 -23.50 -8.94 -11.31
N ARG A 77 -22.47 -9.02 -12.16
CA ARG A 77 -22.63 -9.68 -13.45
C ARG A 77 -23.05 -11.11 -13.23
N GLU A 78 -23.96 -11.60 -14.07
CA GLU A 78 -24.46 -12.97 -13.93
C GLU A 78 -23.48 -14.09 -14.16
N ASN A 79 -22.43 -13.85 -14.95
CA ASN A 79 -21.47 -14.93 -15.21
C ASN A 79 -20.18 -14.85 -14.40
N ALA A 80 -20.16 -14.19 -13.27
CA ALA A 80 -18.97 -14.15 -12.40
C ALA A 80 -18.88 -15.50 -11.72
N LYS A 81 -17.72 -16.18 -11.84
CA LYS A 81 -17.58 -17.48 -11.20
C LYS A 81 -16.21 -17.59 -10.52
N TRP A 82 -16.14 -18.48 -9.55
CA TRP A 82 -14.98 -18.91 -8.83
C TRP A 82 -14.31 -19.97 -9.73
N SER A 83 -13.07 -20.31 -9.43
CA SER A 83 -12.32 -21.26 -10.21
C SER A 83 -12.87 -22.68 -10.19
N ASP A 84 -13.74 -23.05 -9.25
CA ASP A 84 -14.34 -24.36 -9.22
C ASP A 84 -15.63 -24.34 -10.04
N GLY A 85 -15.96 -23.22 -10.67
CA GLY A 85 -17.16 -23.15 -11.46
C GLY A 85 -18.39 -22.59 -10.80
N THR A 86 -18.43 -22.51 -9.50
CA THR A 86 -19.63 -21.97 -8.82
C THR A 86 -19.69 -20.47 -8.96
N PRO A 87 -20.88 -19.91 -8.94
CA PRO A 87 -21.12 -18.49 -9.13
C PRO A 87 -20.57 -17.59 -8.03
N VAL A 88 -20.13 -16.38 -8.40
CA VAL A 88 -19.72 -15.45 -7.35
C VAL A 88 -21.03 -14.73 -6.99
N THR A 89 -21.46 -14.66 -5.74
CA THR A 89 -22.74 -14.03 -5.50
C THR A 89 -22.60 -12.86 -4.53
N ALA A 90 -23.68 -12.09 -4.33
CA ALA A 90 -23.69 -11.05 -3.34
C ALA A 90 -23.52 -11.65 -1.95
N HIS A 91 -24.02 -12.85 -1.66
CA HIS A 91 -23.80 -13.50 -0.38
C HIS A 91 -22.29 -13.71 -0.12
N ASP A 92 -21.49 -13.94 -1.18
CA ASP A 92 -20.06 -14.07 -0.96
C ASP A 92 -19.51 -12.78 -0.32
N PHE A 93 -19.91 -11.65 -0.90
CA PHE A 93 -19.43 -10.35 -0.41
C PHE A 93 -19.97 -10.09 0.98
N VAL A 94 -21.23 -10.49 1.25
CA VAL A 94 -21.77 -10.27 2.63
C VAL A 94 -20.88 -10.97 3.64
N TYR A 95 -20.67 -12.25 3.42
CA TYR A 95 -19.84 -13.06 4.33
C TYR A 95 -18.44 -12.47 4.40
N SER A 96 -17.88 -12.12 3.24
CA SER A 96 -16.49 -11.63 3.25
C SER A 96 -16.30 -10.35 4.06
N TRP A 97 -17.14 -9.35 3.80
CA TRP A 97 -16.99 -8.09 4.54
C TRP A 97 -17.33 -8.28 6.00
N GLN A 98 -18.24 -9.21 6.38
CA GLN A 98 -18.43 -9.51 7.79
C GLN A 98 -17.16 -10.13 8.38
N ARG A 99 -16.51 -11.06 7.70
CA ARG A 99 -15.27 -11.69 8.16
C ARG A 99 -14.15 -10.63 8.33
N LEU A 100 -14.08 -9.70 7.38
CA LEU A 100 -13.10 -8.62 7.53
C LEU A 100 -13.31 -7.82 8.81
N ALA A 101 -14.58 -7.51 9.13
CA ALA A 101 -14.96 -6.72 10.28
C ALA A 101 -14.77 -7.45 11.63
N ASP A 102 -14.95 -8.75 11.60
CA ASP A 102 -14.92 -9.54 12.83
C ASP A 102 -13.57 -9.51 13.54
N PRO A 103 -13.51 -9.10 14.80
CA PRO A 103 -12.31 -9.03 15.59
C PRO A 103 -11.64 -10.40 15.74
N ASN A 104 -12.41 -11.49 15.63
CA ASN A 104 -11.76 -12.80 15.66
C ASN A 104 -10.91 -13.00 14.40
N THR A 105 -11.22 -12.35 13.28
CA THR A 105 -10.31 -12.48 12.13
C THR A 105 -8.99 -11.72 12.37
N ALA A 106 -9.00 -10.70 13.23
CA ALA A 106 -7.83 -9.87 13.49
C ALA A 106 -7.24 -9.33 12.17
N SER A 107 -8.04 -8.79 11.25
CA SER A 107 -7.41 -8.32 9.98
C SER A 107 -6.64 -7.04 10.25
N PRO A 108 -5.49 -6.89 9.63
CA PRO A 108 -4.69 -5.66 9.76
C PRO A 108 -5.44 -4.54 9.05
N TYR A 109 -6.41 -4.90 8.17
CA TYR A 109 -7.19 -3.91 7.46
C TYR A 109 -8.63 -3.84 7.90
N ALA A 110 -8.90 -4.35 9.12
CA ALA A 110 -10.27 -4.21 9.63
C ALA A 110 -10.75 -2.77 9.57
N SER A 111 -9.90 -1.75 9.76
CA SER A 111 -10.34 -0.36 9.69
C SER A 111 -10.70 0.12 8.30
N TYR A 112 -10.51 -0.65 7.24
CA TYR A 112 -10.90 -0.24 5.88
C TYR A 112 -12.41 0.02 5.87
N LEU A 113 -13.20 -0.72 6.67
CA LEU A 113 -14.64 -0.53 6.73
C LEU A 113 -15.01 0.70 7.55
N GLN A 114 -14.13 1.16 8.46
CA GLN A 114 -14.38 2.45 9.11
C GLN A 114 -14.12 3.56 8.11
N TYR A 115 -13.07 3.35 7.29
CA TYR A 115 -12.74 4.40 6.30
C TYR A 115 -13.91 4.55 5.32
N GLY A 116 -14.58 3.42 4.98
CA GLY A 116 -15.76 3.65 4.11
C GLY A 116 -17.02 4.00 4.89
N HIS A 117 -16.99 4.00 6.20
CA HIS A 117 -18.11 4.24 7.11
C HIS A 117 -19.26 3.26 7.00
N ILE A 118 -19.05 2.00 6.69
CA ILE A 118 -20.17 1.05 6.65
C ILE A 118 -20.85 1.08 8.02
N ALA A 119 -22.16 1.03 8.04
CA ALA A 119 -22.92 1.04 9.30
C ALA A 119 -22.50 -0.02 10.29
N ASN A 120 -22.48 0.34 11.57
CA ASN A 120 -22.19 -0.48 12.72
C ASN A 120 -20.75 -1.01 12.84
N ILE A 121 -19.84 -0.65 11.96
CA ILE A 121 -18.47 -1.15 12.00
C ILE A 121 -17.77 -0.89 13.34
N ASP A 122 -17.87 0.31 13.89
CA ASP A 122 -17.18 0.65 15.14
C ASP A 122 -17.58 -0.29 16.28
N ASP A 123 -18.88 -0.52 16.45
CA ASP A 123 -19.34 -1.47 17.47
C ASP A 123 -18.87 -2.89 17.20
N ILE A 124 -18.87 -3.23 15.90
CA ILE A 124 -18.43 -4.58 15.54
C ILE A 124 -16.97 -4.76 15.94
N ILE A 125 -16.11 -3.80 15.60
CA ILE A 125 -14.70 -3.90 15.91
C ILE A 125 -14.50 -3.96 17.42
N ALA A 126 -15.27 -3.14 18.12
CA ALA A 126 -15.20 -3.17 19.58
C ALA A 126 -15.85 -4.39 20.22
N GLY A 127 -16.49 -5.33 19.52
CA GLY A 127 -17.03 -6.51 20.17
C GLY A 127 -18.40 -6.34 20.81
N LYS A 128 -19.00 -5.16 20.60
CA LYS A 128 -20.30 -4.82 21.13
C LYS A 128 -21.45 -5.39 20.29
N LYS A 129 -21.26 -5.54 18.99
CA LYS A 129 -22.27 -6.13 18.10
C LYS A 129 -21.60 -7.25 17.32
N PRO A 130 -22.30 -8.31 16.98
CA PRO A 130 -21.76 -9.35 16.12
C PRO A 130 -21.52 -8.81 14.71
N ALA A 131 -20.66 -9.46 13.94
CA ALA A 131 -20.28 -9.04 12.59
C ALA A 131 -21.44 -9.08 11.62
N THR A 132 -22.45 -9.91 11.97
CA THR A 132 -23.67 -9.99 11.21
C THR A 132 -24.48 -8.74 11.26
N ASP A 133 -24.23 -7.78 12.13
CA ASP A 133 -24.92 -6.50 12.05
C ASP A 133 -24.31 -5.54 11.04
N LEU A 134 -23.19 -5.84 10.42
CA LEU A 134 -22.56 -4.87 9.49
C LEU A 134 -23.51 -4.39 8.42
N GLY A 135 -23.44 -3.14 7.99
CA GLY A 135 -24.41 -2.59 7.04
C GLY A 135 -24.24 -3.04 5.61
N VAL A 136 -24.31 -4.33 5.34
CA VAL A 136 -24.21 -4.91 4.04
C VAL A 136 -25.32 -5.97 3.92
N LYS A 137 -25.93 -6.06 2.74
CA LYS A 137 -26.91 -7.17 2.58
C LYS A 137 -26.98 -7.60 1.13
N ALA A 138 -27.28 -8.86 0.87
CA ALA A 138 -27.46 -9.34 -0.50
C ALA A 138 -28.97 -9.22 -0.74
N LEU A 139 -29.39 -8.32 -1.61
CA LEU A 139 -30.83 -8.15 -1.91
C LEU A 139 -31.31 -9.37 -2.71
N ASP A 140 -30.37 -9.97 -3.44
CA ASP A 140 -30.56 -11.20 -4.18
C ASP A 140 -29.20 -11.78 -4.55
N ASP A 141 -29.10 -12.88 -5.25
CA ASP A 141 -27.80 -13.43 -5.61
C ASP A 141 -26.95 -12.43 -6.41
N HIS A 142 -27.54 -11.50 -7.18
CA HIS A 142 -26.68 -10.65 -7.99
C HIS A 142 -26.71 -9.21 -7.56
N THR A 143 -27.08 -8.97 -6.30
CA THR A 143 -27.23 -7.57 -5.90
C THR A 143 -26.73 -7.34 -4.49
N PHE A 144 -25.69 -6.53 -4.34
CA PHE A 144 -25.03 -6.28 -3.07
C PHE A 144 -25.29 -4.85 -2.65
N GLU A 145 -25.84 -4.58 -1.48
CA GLU A 145 -26.23 -3.24 -1.07
C GLU A 145 -25.48 -2.80 0.17
N VAL A 146 -24.83 -1.64 0.13
CA VAL A 146 -24.01 -1.21 1.26
C VAL A 146 -24.63 0.05 1.86
N THR A 147 -24.77 0.04 3.18
CA THR A 147 -25.34 1.21 3.85
C THR A 147 -24.28 1.89 4.70
N LEU A 148 -23.95 3.12 4.41
CA LEU A 148 -22.99 3.89 5.18
C LEU A 148 -23.64 4.75 6.28
N SER A 149 -22.87 5.07 7.32
CA SER A 149 -23.45 5.94 8.36
C SER A 149 -23.42 7.42 7.98
N GLU A 150 -22.75 7.84 6.91
CA GLU A 150 -22.78 9.23 6.47
C GLU A 150 -22.37 9.25 5.00
N PRO A 151 -22.71 10.32 4.28
CA PRO A 151 -22.38 10.40 2.86
C PRO A 151 -20.87 10.34 2.62
N VAL A 152 -20.51 9.49 1.67
CA VAL A 152 -19.08 9.33 1.28
C VAL A 152 -19.03 9.34 -0.25
N PRO A 153 -18.87 10.51 -0.86
CA PRO A 153 -18.91 10.65 -2.31
C PRO A 153 -17.92 9.78 -3.05
N TYR A 154 -16.72 9.57 -2.50
CA TYR A 154 -15.68 8.76 -3.09
C TYR A 154 -15.71 7.30 -2.64
N PHE A 155 -16.76 6.81 -1.97
CA PHE A 155 -16.80 5.44 -1.50
C PHE A 155 -16.42 4.35 -2.50
N TYR A 156 -17.03 4.41 -3.69
CA TYR A 156 -16.72 3.37 -4.70
C TYR A 156 -15.24 3.29 -5.04
N LYS A 157 -14.44 4.36 -4.83
CA LYS A 157 -13.03 4.34 -5.13
C LYS A 157 -12.30 3.37 -4.17
N LEU A 158 -12.80 3.13 -2.98
CA LEU A 158 -12.19 2.22 -2.02
C LEU A 158 -12.20 0.76 -2.44
N LEU A 159 -13.18 0.40 -3.28
CA LEU A 159 -13.53 -0.94 -3.59
C LEU A 159 -12.60 -1.78 -4.45
N VAL A 160 -11.53 -1.21 -4.99
CA VAL A 160 -10.53 -2.00 -5.71
C VAL A 160 -9.54 -2.66 -4.75
N HIS A 161 -9.52 -2.43 -3.48
CA HIS A 161 -8.56 -2.94 -2.50
C HIS A 161 -8.75 -4.37 -2.13
N PRO A 162 -7.70 -5.16 -1.87
CA PRO A 162 -7.81 -6.58 -1.61
C PRO A 162 -8.66 -6.91 -0.39
N SER A 163 -8.63 -6.02 0.59
CA SER A 163 -9.41 -6.25 1.82
C SER A 163 -10.90 -6.39 1.57
N VAL A 164 -11.49 -5.80 0.55
CA VAL A 164 -12.91 -5.95 0.23
C VAL A 164 -13.16 -6.90 -0.96
N SER A 165 -12.17 -7.70 -1.31
CA SER A 165 -12.36 -8.81 -2.28
C SER A 165 -13.05 -9.98 -1.56
N PRO A 166 -13.70 -10.83 -2.33
CA PRO A 166 -14.43 -11.94 -1.75
C PRO A 166 -13.54 -13.11 -1.43
N VAL A 167 -13.91 -13.88 -0.40
CA VAL A 167 -13.22 -15.11 -0.07
C VAL A 167 -14.28 -16.22 -0.10
N PRO A 168 -13.88 -17.43 -0.40
CA PRO A 168 -14.79 -18.56 -0.50
C PRO A 168 -15.07 -19.21 0.85
N LYS A 169 -16.19 -18.93 1.47
CA LYS A 169 -16.59 -19.40 2.80
C LYS A 169 -16.39 -20.89 3.03
N SER A 170 -16.83 -21.70 2.05
CA SER A 170 -16.67 -23.15 2.17
C SER A 170 -15.22 -23.56 2.27
N ALA A 171 -14.25 -23.01 1.55
CA ALA A 171 -12.86 -23.43 1.71
C ALA A 171 -12.27 -22.94 3.03
N VAL A 172 -12.64 -21.71 3.35
CA VAL A 172 -12.18 -21.11 4.62
C VAL A 172 -12.66 -21.98 5.78
N GLU A 173 -13.94 -22.31 5.81
CA GLU A 173 -14.46 -23.08 6.94
C GLU A 173 -13.92 -24.49 7.03
N LYS A 174 -13.74 -25.14 5.88
CA LYS A 174 -13.22 -26.49 5.90
C LYS A 174 -11.73 -26.55 6.22
N PHE A 175 -10.90 -25.71 5.61
CA PHE A 175 -9.46 -25.80 5.79
C PHE A 175 -8.80 -24.79 6.71
N GLY A 176 -9.56 -23.88 7.34
CA GLY A 176 -8.87 -22.95 8.26
C GLY A 176 -7.74 -22.23 7.54
N ASP A 177 -6.62 -22.01 8.21
CA ASP A 177 -5.47 -21.31 7.66
C ASP A 177 -4.77 -21.94 6.46
N LYS A 178 -5.11 -23.18 6.11
CA LYS A 178 -4.57 -23.84 4.93
C LYS A 178 -5.51 -23.74 3.74
N TRP A 179 -6.57 -22.92 3.86
CA TRP A 179 -7.48 -22.75 2.74
C TRP A 179 -6.75 -22.16 1.52
N THR A 180 -5.64 -21.48 1.74
CA THR A 180 -4.90 -20.84 0.65
C THR A 180 -3.87 -21.81 0.06
N GLN A 181 -3.76 -23.05 0.54
CA GLN A 181 -2.79 -23.93 -0.16
C GLN A 181 -3.37 -24.20 -1.54
N PRO A 182 -2.53 -24.56 -2.49
CA PRO A 182 -2.91 -24.82 -3.86
C PRO A 182 -3.93 -25.92 -3.99
N ALA A 183 -3.89 -26.93 -3.11
CA ALA A 183 -4.86 -28.02 -3.23
C ALA A 183 -6.21 -27.58 -2.71
N ASN A 184 -6.27 -26.52 -1.87
CA ASN A 184 -7.53 -26.11 -1.30
C ASN A 184 -8.11 -24.78 -1.78
N ILE A 185 -7.27 -23.90 -2.30
CA ILE A 185 -7.78 -22.55 -2.63
C ILE A 185 -8.74 -22.52 -3.78
N VAL A 186 -9.64 -21.55 -3.73
CA VAL A 186 -10.60 -21.29 -4.81
C VAL A 186 -10.55 -19.82 -5.12
N THR A 187 -10.41 -19.41 -6.38
CA THR A 187 -10.25 -17.97 -6.66
C THR A 187 -11.21 -17.43 -7.70
N ASN A 188 -11.45 -16.11 -7.70
CA ASN A 188 -12.39 -15.58 -8.68
C ASN A 188 -11.74 -14.51 -9.55
N GLY A 189 -10.41 -14.36 -9.42
CA GLY A 189 -9.79 -13.35 -10.35
C GLY A 189 -9.38 -14.06 -11.64
N ALA A 190 -8.57 -13.41 -12.47
CA ALA A 190 -8.17 -13.99 -13.75
C ALA A 190 -7.26 -15.18 -13.70
N TYR A 191 -6.62 -15.46 -12.58
CA TYR A 191 -5.67 -16.52 -12.35
C TYR A 191 -6.08 -17.41 -11.19
N LYS A 192 -5.41 -18.54 -11.02
CA LYS A 192 -5.64 -19.51 -9.98
C LYS A 192 -4.25 -19.83 -9.44
N LEU A 193 -4.16 -20.30 -8.23
CA LEU A 193 -2.80 -20.59 -7.72
C LEU A 193 -2.32 -21.96 -8.21
N LYS A 194 -1.20 -22.02 -8.89
CA LYS A 194 -0.63 -23.28 -9.31
C LYS A 194 0.39 -23.80 -8.29
N ASN A 195 1.38 -23.01 -7.90
CA ASN A 195 2.41 -23.50 -6.97
C ASN A 195 2.79 -22.37 -5.98
N TRP A 196 3.23 -22.75 -4.80
CA TRP A 196 3.69 -21.78 -3.82
C TRP A 196 4.79 -22.46 -3.00
N VAL A 197 6.03 -22.10 -3.30
CA VAL A 197 7.21 -22.55 -2.60
C VAL A 197 7.76 -21.30 -1.87
N VAL A 198 7.66 -21.35 -0.55
CA VAL A 198 8.02 -20.25 0.32
C VAL A 198 9.45 -19.80 0.10
N ASN A 199 9.67 -18.51 -0.18
CA ASN A 199 10.99 -17.98 -0.39
C ASN A 199 11.56 -18.47 -1.72
N GLU A 200 10.73 -19.01 -2.63
CA GLU A 200 11.21 -19.40 -3.93
C GLU A 200 10.31 -18.78 -5.00
N ARG A 201 9.04 -19.21 -5.06
CA ARG A 201 8.23 -18.61 -6.13
C ARG A 201 6.76 -18.85 -5.86
N ILE A 202 5.94 -18.03 -6.48
CA ILE A 202 4.50 -18.21 -6.49
C ILE A 202 4.11 -18.31 -7.97
N VAL A 203 3.51 -19.41 -8.37
CA VAL A 203 3.14 -19.57 -9.78
C VAL A 203 1.63 -19.59 -9.95
N LEU A 204 1.14 -18.67 -10.82
CA LEU A 204 -0.30 -18.56 -11.06
C LEU A 204 -0.64 -19.00 -12.50
N GLU A 205 -1.80 -19.64 -12.71
CA GLU A 205 -2.13 -20.08 -14.05
C GLU A 205 -3.51 -19.50 -14.39
N ARG A 206 -3.73 -19.28 -15.67
CA ARG A 206 -5.04 -18.72 -16.07
C ARG A 206 -6.22 -19.45 -15.42
N ASN A 207 -7.23 -18.68 -15.04
CA ASN A 207 -8.45 -19.28 -14.45
C ASN A 207 -9.47 -19.26 -15.57
N PRO A 208 -9.84 -20.39 -16.16
CA PRO A 208 -10.77 -20.41 -17.29
C PRO A 208 -12.20 -20.06 -16.91
N GLN A 209 -12.55 -20.08 -15.63
CA GLN A 209 -13.89 -19.71 -15.19
C GLN A 209 -14.04 -18.21 -15.00
N TYR A 210 -12.93 -17.44 -15.11
CA TYR A 210 -13.01 -16.01 -14.93
C TYR A 210 -13.96 -15.47 -15.98
N TRP A 211 -14.91 -14.64 -15.60
CA TRP A 211 -15.85 -14.07 -16.56
C TRP A 211 -15.21 -13.34 -17.73
N ASP A 212 -14.10 -12.65 -17.57
CA ASP A 212 -13.45 -11.98 -18.72
C ASP A 212 -12.31 -12.82 -19.28
N ASN A 213 -12.26 -14.12 -19.02
CA ASN A 213 -11.21 -15.00 -19.51
C ASN A 213 -10.87 -14.86 -20.97
N ALA A 214 -11.84 -14.57 -21.87
CA ALA A 214 -11.50 -14.46 -23.28
C ALA A 214 -10.53 -13.32 -23.56
N LYS A 215 -10.43 -12.30 -22.72
CA LYS A 215 -9.50 -11.20 -22.95
C LYS A 215 -8.17 -11.42 -22.22
N THR A 216 -8.11 -12.44 -21.39
CA THR A 216 -6.85 -12.78 -20.71
C THR A 216 -5.87 -13.32 -21.74
N VAL A 217 -4.65 -12.83 -21.73
CA VAL A 217 -3.60 -13.30 -22.66
C VAL A 217 -2.50 -14.11 -22.00
N ILE A 218 -1.94 -13.67 -20.87
CA ILE A 218 -0.85 -14.35 -20.20
C ILE A 218 -1.42 -15.63 -19.56
N ASN A 219 -0.86 -16.80 -19.89
CA ASN A 219 -1.36 -18.06 -19.37
C ASN A 219 -0.78 -18.39 -18.03
N GLN A 220 0.40 -17.86 -17.70
CA GLN A 220 1.07 -18.13 -16.43
C GLN A 220 1.97 -17.01 -15.96
N VAL A 221 1.88 -16.67 -14.67
CA VAL A 221 2.80 -15.60 -14.18
C VAL A 221 3.46 -16.14 -12.92
N THR A 222 4.73 -15.95 -12.71
CA THR A 222 5.43 -16.37 -11.48
C THR A 222 5.76 -15.08 -10.71
N TYR A 223 5.53 -15.10 -9.44
CA TYR A 223 5.99 -13.97 -8.62
C TYR A 223 7.18 -14.43 -7.77
N LEU A 224 8.30 -13.73 -7.77
CA LEU A 224 9.47 -14.05 -7.03
C LEU A 224 9.53 -13.10 -5.81
N PRO A 225 10.28 -13.55 -4.82
CA PRO A 225 10.36 -12.87 -3.52
C PRO A 225 11.72 -12.33 -3.20
N ILE A 226 12.34 -11.77 -4.23
CA ILE A 226 13.72 -11.31 -4.09
C ILE A 226 13.74 -9.92 -3.45
N SER A 227 14.33 -9.74 -2.29
CA SER A 227 14.35 -8.44 -1.64
C SER A 227 15.59 -7.61 -1.95
N SER A 228 16.59 -8.24 -2.58
CA SER A 228 17.77 -7.51 -3.03
C SER A 228 17.47 -6.88 -4.39
N GLU A 229 17.33 -5.55 -4.44
CA GLU A 229 17.08 -4.87 -5.71
C GLU A 229 18.22 -5.12 -6.72
N VAL A 230 19.46 -5.29 -6.23
CA VAL A 230 20.60 -5.56 -7.10
C VAL A 230 20.38 -6.92 -7.78
N THR A 231 19.97 -7.92 -6.99
CA THR A 231 19.74 -9.25 -7.52
C THR A 231 18.60 -9.28 -8.53
N ASP A 232 17.56 -8.50 -8.21
CA ASP A 232 16.40 -8.41 -9.09
C ASP A 232 16.81 -7.83 -10.45
N VAL A 233 17.60 -6.76 -10.45
CA VAL A 233 18.11 -6.16 -11.67
C VAL A 233 19.01 -7.17 -12.43
N ASN A 234 19.84 -7.88 -11.68
CA ASN A 234 20.73 -8.85 -12.30
C ASN A 234 19.90 -9.93 -12.99
N ARG A 235 18.89 -10.50 -12.31
CA ARG A 235 18.10 -11.57 -12.95
C ARG A 235 17.16 -11.05 -14.02
N TYR A 236 16.88 -9.75 -14.02
CA TYR A 236 16.13 -9.13 -15.11
C TYR A 236 17.09 -9.14 -16.32
N ARG A 237 18.31 -8.62 -16.12
CA ARG A 237 19.24 -8.49 -17.23
C ARG A 237 19.77 -9.81 -17.75
N SER A 238 19.79 -10.85 -16.91
CA SER A 238 20.20 -12.17 -17.38
C SER A 238 19.13 -12.81 -18.25
N GLY A 239 17.88 -12.30 -18.23
CA GLY A 239 16.80 -12.87 -19.03
C GLY A 239 15.73 -13.58 -18.21
N GLU A 240 16.00 -13.91 -16.93
CA GLU A 240 15.01 -14.61 -16.10
C GLU A 240 13.75 -13.79 -15.75
N ILE A 241 13.92 -12.53 -15.37
CA ILE A 241 12.81 -11.68 -14.92
C ILE A 241 12.38 -10.70 -16.02
N ASP A 242 11.08 -10.65 -16.28
CA ASP A 242 10.51 -9.75 -17.26
C ASP A 242 10.18 -8.40 -16.64
N MET A 243 9.79 -8.37 -15.37
CA MET A 243 9.47 -7.07 -14.74
C MET A 243 10.07 -6.98 -13.35
N THR A 244 11.00 -6.08 -13.06
CA THR A 244 11.53 -6.09 -11.69
C THR A 244 10.42 -5.61 -10.72
N TYR A 245 10.71 -5.72 -9.42
CA TYR A 245 9.83 -5.09 -8.44
C TYR A 245 10.12 -3.58 -8.54
N ASN A 246 9.29 -2.69 -7.99
CA ASN A 246 9.55 -1.27 -8.14
C ASN A 246 10.19 -0.65 -6.92
N ASN A 247 11.38 -1.05 -6.60
CA ASN A 247 12.36 -0.57 -5.65
C ASN A 247 13.67 -0.68 -6.48
N MET A 248 14.34 0.41 -6.78
CA MET A 248 15.58 0.30 -7.58
C MET A 248 16.83 0.49 -6.72
N PRO A 249 17.91 -0.24 -7.02
CA PRO A 249 19.15 -0.20 -6.26
C PRO A 249 20.00 1.05 -6.53
N ILE A 250 20.62 1.55 -5.45
CA ILE A 250 21.52 2.72 -5.59
C ILE A 250 22.76 2.32 -6.35
N GLU A 251 23.24 1.09 -6.21
CA GLU A 251 24.41 0.65 -6.93
C GLU A 251 24.33 0.71 -8.44
N LEU A 252 23.15 0.37 -9.00
CA LEU A 252 23.05 0.24 -10.44
C LEU A 252 22.21 1.25 -11.20
N PHE A 253 21.29 1.98 -10.61
CA PHE A 253 20.35 2.84 -11.31
C PHE A 253 20.92 3.84 -12.31
N GLN A 254 21.90 4.66 -11.89
CA GLN A 254 22.45 5.61 -12.88
C GLN A 254 22.95 4.88 -14.12
N LYS A 255 23.71 3.80 -13.98
CA LYS A 255 24.18 2.98 -15.07
C LYS A 255 23.02 2.53 -15.94
N LEU A 256 21.97 1.98 -15.31
CA LEU A 256 20.77 1.55 -16.05
C LEU A 256 20.12 2.61 -16.90
N LYS A 257 19.98 3.83 -16.36
CA LYS A 257 19.35 4.87 -17.17
C LYS A 257 20.16 5.10 -18.45
N LYS A 258 21.49 4.98 -18.38
CA LYS A 258 22.26 5.18 -19.60
C LYS A 258 22.35 3.93 -20.44
N GLU A 259 22.31 2.74 -19.85
CA GLU A 259 22.46 1.54 -20.68
C GLU A 259 21.20 1.10 -21.35
N ILE A 260 20.05 1.15 -20.68
CA ILE A 260 18.77 0.68 -21.23
C ILE A 260 17.64 1.64 -20.95
N PRO A 261 17.77 2.88 -21.42
CA PRO A 261 16.80 3.94 -21.25
C PRO A 261 15.36 3.52 -21.45
N ASN A 262 15.08 2.83 -22.53
CA ASN A 262 13.75 2.38 -22.88
C ASN A 262 13.13 1.38 -21.91
N GLU A 263 13.92 0.67 -21.12
CA GLU A 263 13.35 -0.29 -20.16
C GLU A 263 13.11 0.27 -18.77
N VAL A 264 13.66 1.43 -18.45
CA VAL A 264 13.59 2.04 -17.16
C VAL A 264 12.32 2.90 -17.11
N ARG A 265 11.27 2.35 -16.51
CA ARG A 265 10.00 3.06 -16.43
C ARG A 265 10.00 3.92 -15.18
N VAL A 266 9.67 5.20 -15.29
CA VAL A 266 9.72 6.09 -14.11
C VAL A 266 8.44 6.90 -14.14
N ASP A 267 7.48 6.57 -13.29
CA ASP A 267 6.15 7.24 -13.35
C ASP A 267 5.71 7.73 -11.98
N PRO A 268 4.72 8.61 -11.93
CA PRO A 268 4.20 9.13 -10.69
C PRO A 268 3.64 8.00 -9.84
N TYR A 269 3.70 8.19 -8.54
CA TYR A 269 3.29 7.10 -7.63
C TYR A 269 2.86 7.76 -6.32
N LEU A 270 1.67 7.44 -5.85
CA LEU A 270 1.17 8.06 -4.64
C LEU A 270 1.62 7.30 -3.40
N CYS A 271 2.90 7.38 -3.08
CA CYS A 271 3.54 6.71 -1.96
C CYS A 271 4.52 7.69 -1.31
N THR A 272 4.63 7.59 0.00
CA THR A 272 5.52 8.49 0.73
C THR A 272 6.51 7.63 1.49
N TYR A 273 7.80 7.91 1.36
CA TYR A 273 8.84 7.20 2.11
C TYR A 273 9.12 8.02 3.37
N TYR A 274 9.07 7.42 4.55
CA TYR A 274 9.29 8.21 5.75
C TYR A 274 9.89 7.31 6.83
N TYR A 275 10.41 7.90 7.92
CA TYR A 275 10.85 7.10 9.05
C TYR A 275 9.73 7.26 10.07
N GLU A 276 9.13 6.12 10.36
CA GLU A 276 8.02 6.01 11.28
C GLU A 276 8.59 5.95 12.70
N ILE A 277 8.12 6.88 13.49
CA ILE A 277 8.55 6.97 14.91
C ILE A 277 7.51 6.29 15.74
N ASN A 278 7.91 5.47 16.69
CA ASN A 278 6.95 4.81 17.60
C ASN A 278 6.56 5.88 18.63
N ASN A 279 5.40 6.49 18.47
CA ASN A 279 4.98 7.63 19.26
C ASN A 279 4.64 7.32 20.71
N GLN A 280 4.41 6.06 21.09
CA GLN A 280 4.12 5.86 22.52
C GLN A 280 5.28 5.32 23.35
N LYS A 281 6.48 5.29 22.80
CA LYS A 281 7.63 4.82 23.56
C LYS A 281 8.65 5.92 23.86
N ALA A 282 8.92 6.16 25.14
CA ALA A 282 9.98 7.13 25.49
C ALA A 282 11.32 6.68 24.95
N PRO A 283 12.15 7.61 24.47
CA PRO A 283 11.90 9.03 24.53
C PRO A 283 11.18 9.62 23.33
N PHE A 284 10.64 8.73 22.47
CA PHE A 284 9.94 9.21 21.28
C PHE A 284 8.54 9.77 21.55
N ASN A 285 8.05 9.82 22.78
CA ASN A 285 6.78 10.41 23.16
C ASN A 285 6.94 11.90 23.50
N ASP A 286 8.18 12.37 23.32
CA ASP A 286 8.59 13.73 23.50
C ASP A 286 8.62 14.40 22.13
N VAL A 287 7.77 15.38 21.88
CA VAL A 287 7.74 16.07 20.58
C VAL A 287 9.05 16.69 20.17
N ARG A 288 9.85 17.18 21.14
CA ARG A 288 11.14 17.79 20.84
C ARG A 288 12.08 16.79 20.17
N VAL A 289 12.04 15.54 20.63
CA VAL A 289 12.95 14.55 20.01
C VAL A 289 12.47 14.19 18.62
N ARG A 290 11.14 14.02 18.48
CA ARG A 290 10.65 13.66 17.13
C ARG A 290 10.93 14.81 16.17
N THR A 291 10.70 16.04 16.63
CA THR A 291 11.00 17.20 15.76
C THR A 291 12.45 17.32 15.37
N ALA A 292 13.39 17.05 16.30
CA ALA A 292 14.81 17.14 15.97
C ALA A 292 15.23 16.17 14.89
N LEU A 293 14.75 14.93 15.03
CA LEU A 293 15.02 13.91 14.03
C LEU A 293 14.43 14.31 12.68
N LYS A 294 13.22 14.86 12.71
CA LYS A 294 12.62 15.27 11.42
C LYS A 294 13.43 16.36 10.75
N LEU A 295 13.79 17.36 11.60
CA LEU A 295 14.53 18.50 11.02
C LEU A 295 15.98 18.19 10.70
N ALA A 296 16.72 17.38 11.45
CA ALA A 296 18.12 17.15 11.11
C ALA A 296 18.35 16.25 9.93
N LEU A 297 17.33 15.51 9.48
CA LEU A 297 17.53 14.65 8.29
C LEU A 297 17.65 15.59 7.09
N ASP A 298 18.68 15.45 6.27
CA ASP A 298 18.86 16.30 5.11
C ASP A 298 18.34 15.62 3.84
N ARG A 299 17.10 16.02 3.50
CA ARG A 299 16.40 15.49 2.34
C ARG A 299 17.11 15.74 1.02
N ASP A 300 17.77 16.91 0.87
CA ASP A 300 18.50 17.13 -0.39
C ASP A 300 19.64 16.13 -0.54
N ILE A 301 20.36 15.79 0.53
CA ILE A 301 21.43 14.80 0.39
C ILE A 301 20.80 13.42 0.06
N ILE A 302 19.78 13.04 0.82
CA ILE A 302 19.21 11.71 0.55
C ILE A 302 18.55 11.59 -0.81
N VAL A 303 17.62 12.49 -1.11
CA VAL A 303 16.89 12.37 -2.35
C VAL A 303 17.66 12.71 -3.62
N ASN A 304 18.35 13.86 -3.59
CA ASN A 304 19.05 14.28 -4.79
C ASN A 304 20.46 13.77 -4.91
N LYS A 305 21.15 13.54 -3.83
CA LYS A 305 22.54 13.09 -3.85
C LYS A 305 22.71 11.60 -3.61
N VAL A 306 22.13 10.97 -2.59
CA VAL A 306 22.40 9.53 -2.45
C VAL A 306 21.48 8.67 -3.30
N LYS A 307 20.20 8.95 -3.44
CA LYS A 307 19.33 8.11 -4.25
C LYS A 307 19.28 8.59 -5.69
N ASN A 308 18.81 9.81 -5.88
CA ASN A 308 18.68 10.49 -7.15
C ASN A 308 18.04 9.70 -8.28
N GLN A 309 16.85 9.16 -8.01
CA GLN A 309 16.12 8.39 -9.01
C GLN A 309 14.84 9.09 -9.45
N GLY A 310 14.70 10.38 -9.13
CA GLY A 310 13.52 11.15 -9.48
C GLY A 310 12.57 11.46 -8.30
N ASP A 311 12.84 10.93 -7.10
CA ASP A 311 11.93 11.20 -5.97
C ASP A 311 11.94 12.69 -5.60
N LEU A 312 10.92 13.12 -4.86
CA LEU A 312 10.79 14.53 -4.48
C LEU A 312 10.84 14.68 -2.96
N PRO A 313 11.70 15.56 -2.46
CA PRO A 313 11.83 15.79 -1.02
C PRO A 313 10.47 15.99 -0.38
N ALA A 314 10.16 15.25 0.69
CA ALA A 314 8.86 15.32 1.35
C ALA A 314 8.76 16.16 2.62
N TYR A 315 7.61 16.82 2.81
CA TYR A 315 7.42 17.64 4.00
C TYR A 315 6.10 17.29 4.67
N SER A 316 5.42 16.29 4.07
CA SER A 316 4.14 15.82 4.61
C SER A 316 4.02 14.28 4.43
N TYR A 317 2.94 13.74 4.95
CA TYR A 317 2.62 12.30 4.85
C TYR A 317 1.81 12.10 3.57
N THR A 318 0.66 12.74 3.43
CA THR A 318 -0.06 12.65 2.15
C THR A 318 0.71 13.31 1.02
N PRO A 319 0.97 12.66 -0.11
CA PRO A 319 1.66 13.25 -1.24
C PRO A 319 0.84 14.43 -1.76
N PRO A 320 1.46 15.60 -2.04
CA PRO A 320 0.81 16.81 -2.47
C PRO A 320 0.06 16.71 -3.79
N TYR A 321 0.37 15.65 -4.55
CA TYR A 321 -0.30 15.45 -5.83
C TYR A 321 -1.44 14.43 -5.71
N THR A 322 -1.77 14.01 -4.50
CA THR A 322 -2.98 13.14 -4.33
C THR A 322 -4.17 13.96 -4.83
N ASP A 323 -5.16 13.30 -5.46
CA ASP A 323 -6.39 13.98 -5.84
C ASP A 323 -7.06 14.55 -4.58
N GLY A 324 -7.21 15.87 -4.48
CA GLY A 324 -7.87 16.47 -3.34
C GLY A 324 -6.84 17.08 -2.35
N ALA A 325 -5.53 16.94 -2.60
CA ALA A 325 -4.59 17.51 -1.68
C ALA A 325 -4.21 18.93 -2.07
N LYS A 326 -4.33 19.89 -1.15
CA LYS A 326 -3.90 21.24 -1.34
C LYS A 326 -3.15 21.56 -0.03
N LEU A 327 -1.92 21.04 0.05
CA LEU A 327 -1.22 21.12 1.32
C LEU A 327 -0.45 22.42 1.50
N VAL A 328 -0.30 22.89 2.71
CA VAL A 328 0.55 24.06 2.96
C VAL A 328 1.96 23.56 3.30
N GLU A 329 2.97 23.96 2.57
CA GLU A 329 4.37 23.60 2.82
C GLU A 329 4.85 24.38 4.04
N PRO A 330 5.34 23.67 5.06
CA PRO A 330 5.70 24.30 6.31
C PRO A 330 6.96 25.10 6.15
N GLU A 331 7.15 26.12 6.96
CA GLU A 331 8.30 27.02 6.93
C GLU A 331 9.63 26.32 7.11
N TRP A 332 9.72 25.32 7.99
CA TRP A 332 10.95 24.57 8.20
C TRP A 332 11.49 23.96 6.92
N PHE A 333 10.65 23.54 5.99
CA PHE A 333 11.13 22.95 4.73
C PHE A 333 11.87 23.91 3.83
N LYS A 334 11.53 25.20 3.89
CA LYS A 334 12.20 26.23 3.07
C LYS A 334 13.48 26.71 3.74
N TRP A 335 13.65 26.44 5.03
CA TRP A 335 14.89 26.88 5.68
C TRP A 335 16.12 26.25 5.02
N SER A 336 17.29 26.68 5.53
CA SER A 336 18.54 26.08 5.06
C SER A 336 18.69 24.81 5.91
N GLN A 337 19.55 23.85 5.57
CA GLN A 337 19.71 22.66 6.43
C GLN A 337 20.41 23.05 7.73
N GLN A 338 21.32 24.04 7.62
CA GLN A 338 22.01 24.62 8.75
C GLN A 338 21.02 25.12 9.78
N LYS A 339 20.05 25.90 9.32
CA LYS A 339 19.04 26.40 10.26
C LYS A 339 18.19 25.26 10.83
N ARG A 340 17.81 24.27 10.03
CA ARG A 340 17.17 23.08 10.61
C ARG A 340 18.07 22.39 11.64
N ASN A 341 19.36 22.28 11.35
CA ASN A 341 20.24 21.56 12.29
C ASN A 341 20.33 22.25 13.65
N GLU A 342 20.44 23.59 13.69
CA GLU A 342 20.52 24.24 15.03
C GLU A 342 19.27 23.99 15.83
N GLU A 343 18.11 24.27 15.20
CA GLU A 343 16.83 24.03 15.90
C GLU A 343 16.76 22.61 16.44
N ALA A 344 17.15 21.61 15.65
CA ALA A 344 17.18 20.21 16.06
C ALA A 344 18.18 19.99 17.19
N LYS A 345 19.39 20.56 17.09
CA LYS A 345 20.31 20.34 18.23
C LYS A 345 19.73 21.07 19.45
N LYS A 346 19.14 22.25 19.19
CA LYS A 346 18.56 22.98 20.32
C LYS A 346 17.55 22.11 21.05
N LEU A 347 16.56 21.58 20.34
CA LEU A 347 15.54 20.75 20.93
C LEU A 347 16.06 19.54 21.69
N LEU A 348 17.07 18.82 21.20
CA LEU A 348 17.59 17.70 21.97
C LEU A 348 18.28 18.18 23.25
N ALA A 349 19.04 19.26 23.16
CA ALA A 349 19.70 19.75 24.39
C ALA A 349 18.61 20.07 25.39
N GLU A 350 17.55 20.76 24.95
CA GLU A 350 16.39 21.05 25.77
C GLU A 350 15.76 19.76 26.28
N ALA A 351 15.74 18.67 25.50
CA ALA A 351 15.17 17.40 25.98
C ALA A 351 16.09 16.72 26.98
N GLY A 352 17.29 17.24 27.19
CA GLY A 352 18.19 16.74 28.21
C GLY A 352 19.30 15.87 27.66
N PHE A 353 19.46 15.81 26.34
CA PHE A 353 20.55 14.99 25.82
C PHE A 353 21.85 15.77 25.73
N THR A 354 22.95 15.10 26.08
CA THR A 354 24.27 15.74 26.06
C THR A 354 25.32 14.89 25.37
N ALA A 355 26.54 15.43 25.19
CA ALA A 355 27.59 14.58 24.61
C ALA A 355 27.82 13.34 25.48
N ASP A 356 27.82 13.45 26.81
CA ASP A 356 28.05 12.29 27.68
C ASP A 356 26.86 11.35 27.72
N LYS A 357 25.63 11.82 27.50
CA LYS A 357 24.47 10.90 27.46
C LYS A 357 23.65 11.24 26.22
N PRO A 358 24.18 10.84 25.05
CA PRO A 358 23.59 11.19 23.76
C PRO A 358 22.33 10.39 23.47
N LEU A 359 21.63 10.70 22.40
CA LEU A 359 20.40 9.95 22.07
C LEU A 359 20.80 8.78 21.17
N THR A 360 20.49 7.58 21.63
CA THR A 360 20.91 6.36 20.89
C THR A 360 19.68 5.48 20.74
N PHE A 361 19.39 5.02 19.52
CA PHE A 361 18.17 4.21 19.36
C PHE A 361 18.25 3.31 18.12
N ASP A 362 17.30 2.38 17.95
CA ASP A 362 17.37 1.52 16.77
C ASP A 362 16.68 2.09 15.53
N LEU A 363 17.17 1.69 14.37
CA LEU A 363 16.56 2.08 13.08
C LEU A 363 16.26 0.76 12.35
N LEU A 364 15.02 0.32 12.44
CA LEU A 364 14.64 -0.97 11.85
C LEU A 364 14.21 -0.84 10.39
N TYR A 365 14.61 -1.75 9.53
CA TYR A 365 14.22 -1.66 8.13
C TYR A 365 14.03 -3.06 7.56
N ASN A 366 13.19 -3.18 6.52
CA ASN A 366 13.04 -4.49 5.91
C ASN A 366 14.24 -4.76 4.99
N THR A 367 14.80 -5.95 5.09
CA THR A 367 15.93 -6.38 4.26
C THR A 367 15.80 -5.91 2.84
N SER A 368 16.84 -5.21 2.35
CA SER A 368 16.76 -4.55 1.05
C SER A 368 18.03 -3.77 0.80
N ASP A 369 18.55 -3.79 -0.41
CA ASP A 369 19.73 -2.99 -0.71
C ASP A 369 19.41 -1.51 -0.57
N LEU A 370 18.29 -1.12 -1.14
CA LEU A 370 17.87 0.27 -1.08
C LEU A 370 17.70 0.79 0.35
N HIS A 371 16.93 0.07 1.18
CA HIS A 371 16.68 0.58 2.53
C HIS A 371 17.95 0.57 3.38
N LYS A 372 18.81 -0.40 3.21
CA LYS A 372 20.05 -0.43 3.98
C LYS A 372 20.95 0.75 3.57
N LYS A 373 21.12 0.99 2.26
CA LYS A 373 21.96 2.15 1.88
C LYS A 373 21.34 3.47 2.34
N LEU A 374 20.01 3.62 2.23
CA LEU A 374 19.35 4.80 2.79
C LEU A 374 19.48 4.84 4.30
N ALA A 375 19.37 3.75 5.04
CA ALA A 375 19.50 3.80 6.49
C ALA A 375 20.90 4.20 6.96
N ILE A 376 21.91 3.71 6.26
CA ILE A 376 23.32 4.05 6.61
C ILE A 376 23.59 5.54 6.37
N ALA A 377 23.09 6.09 5.26
CA ALA A 377 23.22 7.50 4.95
C ALA A 377 22.46 8.32 5.96
N VAL A 378 21.26 7.90 6.35
CA VAL A 378 20.51 8.60 7.38
C VAL A 378 21.19 8.53 8.73
N ALA A 379 21.75 7.39 9.13
CA ALA A 379 22.48 7.27 10.37
C ALA A 379 23.67 8.25 10.46
N SER A 380 24.43 8.30 9.37
CA SER A 380 25.58 9.19 9.24
C SER A 380 25.17 10.65 9.27
N ILE A 381 24.04 10.96 8.60
CA ILE A 381 23.55 12.34 8.56
C ILE A 381 23.12 12.71 9.98
N TRP A 382 22.40 11.84 10.68
CA TRP A 382 21.92 12.12 12.03
C TRP A 382 23.09 12.22 13.02
N LYS A 383 24.10 11.39 12.84
CA LYS A 383 25.30 11.41 13.68
C LYS A 383 25.99 12.78 13.49
N LYS A 384 26.28 13.13 12.27
CA LYS A 384 26.97 14.37 11.92
C LYS A 384 26.16 15.63 12.18
N ASN A 385 24.86 15.67 11.87
CA ASN A 385 24.11 16.89 12.06
C ASN A 385 23.58 17.00 13.49
N LEU A 386 23.32 15.87 14.13
CA LEU A 386 22.67 16.00 15.44
C LEU A 386 23.43 15.31 16.54
N GLY A 387 24.48 14.54 16.25
CA GLY A 387 25.12 13.81 17.35
C GLY A 387 24.30 12.67 17.92
N VAL A 388 23.38 12.06 17.15
CA VAL A 388 22.64 10.91 17.67
C VAL A 388 23.26 9.64 17.08
N ASN A 389 23.23 8.56 17.81
CA ASN A 389 23.74 7.25 17.41
C ASN A 389 22.60 6.30 17.09
N VAL A 390 22.71 5.61 15.97
CA VAL A 390 21.60 4.71 15.58
C VAL A 390 22.12 3.30 15.37
N ASN A 391 21.40 2.29 15.84
CA ASN A 391 21.78 0.92 15.61
C ASN A 391 20.83 0.34 14.54
N LEU A 392 21.39 0.05 13.38
CA LEU A 392 20.58 -0.46 12.28
C LEU A 392 20.17 -1.90 12.53
N GLU A 393 18.95 -2.28 12.14
CA GLU A 393 18.54 -3.68 12.29
C GLU A 393 17.66 -4.04 11.08
N ASN A 394 18.01 -5.10 10.33
CA ASN A 394 17.11 -5.51 9.26
C ASN A 394 16.22 -6.68 9.72
N GLN A 395 15.01 -6.82 9.17
CA GLN A 395 14.13 -7.93 9.42
C GLN A 395 13.42 -8.29 8.10
N GLU A 396 13.11 -9.57 7.90
CA GLU A 396 12.39 -9.90 6.66
C GLU A 396 11.01 -9.24 6.73
N TRP A 397 10.46 -8.93 5.56
CA TRP A 397 9.18 -8.24 5.43
C TRP A 397 8.10 -8.66 6.38
N LYS A 398 7.72 -9.96 6.38
CA LYS A 398 6.64 -10.38 7.28
C LYS A 398 6.93 -10.06 8.73
N THR A 399 8.12 -10.34 9.18
CA THR A 399 8.51 -10.10 10.59
C THR A 399 8.54 -8.60 10.89
N PHE A 400 9.13 -7.84 10.00
CA PHE A 400 9.16 -6.38 10.07
C PHE A 400 7.77 -5.84 10.31
N LEU A 401 6.75 -6.27 9.53
CA LEU A 401 5.42 -5.73 9.77
C LEU A 401 4.87 -6.08 11.15
N ASP A 402 5.12 -7.32 11.60
CA ASP A 402 4.63 -7.70 12.95
C ASP A 402 5.26 -6.85 14.04
N THR A 403 6.58 -6.62 13.95
CA THR A 403 7.27 -5.76 14.90
C THR A 403 6.61 -4.40 15.01
N ARG A 404 6.35 -3.75 13.87
CA ARG A 404 5.76 -2.42 13.86
C ARG A 404 4.39 -2.43 14.52
N HIS A 405 3.59 -3.47 14.25
CA HIS A 405 2.28 -3.55 14.90
C HIS A 405 2.42 -3.81 16.40
N GLN A 406 3.43 -4.62 16.78
CA GLN A 406 3.61 -4.83 18.21
C GLN A 406 4.08 -3.58 18.94
N GLY A 407 4.73 -2.66 18.22
CA GLY A 407 5.28 -1.51 18.94
C GLY A 407 6.61 -2.00 19.55
N THR A 408 7.30 -3.03 18.99
CA THR A 408 8.58 -3.38 19.62
C THR A 408 9.68 -2.61 18.91
N PHE A 409 9.57 -1.25 18.95
CA PHE A 409 10.53 -0.50 18.15
C PHE A 409 10.65 0.96 18.52
N ASP A 410 11.72 1.54 17.99
CA ASP A 410 12.05 2.94 18.21
C ASP A 410 11.65 3.68 16.94
N VAL A 411 12.50 3.57 15.90
CA VAL A 411 12.21 4.17 14.60
C VAL A 411 12.28 3.06 13.55
N ALA A 412 11.42 3.11 12.54
CA ALA A 412 11.43 2.16 11.45
C ALA A 412 11.28 2.87 10.12
N ARG A 413 11.94 2.32 9.12
CA ARG A 413 11.85 2.76 7.74
C ARG A 413 10.41 2.43 7.34
N ALA A 414 9.76 3.29 6.54
CA ALA A 414 8.36 3.03 6.24
C ALA A 414 7.94 3.67 4.91
N GLY A 415 6.90 3.08 4.31
CA GLY A 415 6.38 3.61 3.07
C GLY A 415 4.87 3.35 3.03
N TRP A 416 4.07 4.37 2.74
CA TRP A 416 2.63 4.10 2.63
C TRP A 416 2.24 4.47 1.19
N CYS A 417 1.60 3.58 0.48
CA CYS A 417 1.05 3.75 -0.84
C CYS A 417 -0.47 3.82 -0.75
N ALA A 418 -1.08 4.83 -1.38
CA ALA A 418 -2.51 4.95 -1.35
C ALA A 418 -3.21 3.67 -1.85
N ASP A 419 -4.37 3.44 -1.22
CA ASP A 419 -5.31 2.39 -1.58
C ASP A 419 -6.40 2.95 -2.49
N TYR A 420 -6.66 4.23 -2.41
CA TYR A 420 -7.58 4.93 -3.29
C TYR A 420 -7.09 6.38 -3.43
N ASN A 421 -7.29 7.05 -4.55
CA ASN A 421 -6.75 8.39 -4.73
C ASN A 421 -7.55 9.52 -4.10
N GLU A 422 -7.42 9.67 -2.78
CA GLU A 422 -8.10 10.75 -2.00
C GLU A 422 -7.25 10.83 -0.75
N PRO A 423 -7.03 12.01 -0.18
CA PRO A 423 -6.16 12.17 0.96
C PRO A 423 -6.45 11.30 2.19
N THR A 424 -7.71 10.93 2.42
CA THR A 424 -8.05 10.10 3.60
C THR A 424 -7.46 8.71 3.49
N SER A 425 -7.11 8.25 2.29
CA SER A 425 -6.37 7.02 2.11
C SER A 425 -5.03 7.06 2.87
N PHE A 426 -4.43 8.24 3.02
CA PHE A 426 -3.27 8.34 3.91
C PHE A 426 -3.68 8.68 5.35
N LEU A 427 -4.48 9.77 5.47
CA LEU A 427 -4.83 10.39 6.75
C LEU A 427 -5.55 9.50 7.74
N ASN A 428 -6.42 8.63 7.22
CA ASN A 428 -7.17 7.69 8.06
C ASN A 428 -6.27 6.74 8.83
N THR A 429 -5.06 6.49 8.32
CA THR A 429 -4.09 5.61 8.96
C THR A 429 -3.48 6.18 10.23
N MET A 430 -3.60 7.50 10.41
CA MET A 430 -3.13 8.13 11.64
C MET A 430 -4.26 8.35 12.66
N LEU A 431 -5.48 7.89 12.35
CA LEU A 431 -6.57 7.95 13.31
C LEU A 431 -6.21 7.15 14.56
N SER A 432 -6.55 7.56 15.77
CA SER A 432 -6.21 6.85 16.99
C SER A 432 -6.47 5.36 17.01
N ASP A 433 -7.65 4.98 16.53
CA ASP A 433 -8.02 3.57 16.55
C ASP A 433 -7.76 2.87 15.22
N SER A 434 -6.93 3.39 14.34
CA SER A 434 -6.73 2.75 13.06
C SER A 434 -5.97 1.44 13.16
N SER A 435 -6.46 0.36 12.53
CA SER A 435 -5.70 -0.87 12.46
C SER A 435 -4.40 -0.70 11.67
N ASN A 436 -4.25 0.32 10.85
CA ASN A 436 -3.04 0.60 10.09
C ASN A 436 -2.08 1.52 10.85
N ASN A 437 -2.44 1.98 12.04
CA ASN A 437 -1.60 2.97 12.73
C ASN A 437 -0.41 2.33 13.45
N THR A 438 0.69 2.13 12.73
CA THR A 438 1.88 1.54 13.33
C THR A 438 2.80 2.65 13.84
N ALA A 439 2.45 3.92 13.61
CA ALA A 439 3.17 5.01 14.27
C ALA A 439 2.75 5.04 15.75
N HIS A 440 1.60 4.46 16.07
CA HIS A 440 1.00 4.40 17.37
C HIS A 440 0.73 5.82 17.86
N TYR A 441 0.32 6.66 16.90
CA TYR A 441 -0.02 8.04 17.10
C TYR A 441 -1.49 8.23 17.49
N LYS A 442 -1.68 8.99 18.56
CA LYS A 442 -3.03 9.21 19.09
C LYS A 442 -3.24 10.71 19.35
N SER A 443 -3.99 11.36 18.48
CA SER A 443 -4.27 12.78 18.65
C SER A 443 -5.75 13.04 18.51
N PRO A 444 -6.38 13.49 19.60
CA PRO A 444 -7.78 13.84 19.58
C PRO A 444 -8.01 15.00 18.62
N ALA A 445 -7.07 15.92 18.51
CA ALA A 445 -7.17 17.04 17.58
C ALA A 445 -7.13 16.55 16.12
N PHE A 446 -6.17 15.64 15.88
CA PHE A 446 -6.09 15.07 14.52
C PHE A 446 -7.36 14.29 14.24
N ASP A 447 -7.84 13.41 15.14
CA ASP A 447 -9.04 12.66 14.84
C ASP A 447 -10.27 13.51 14.49
N LYS A 448 -10.50 14.60 15.21
CA LYS A 448 -11.66 15.47 15.02
C LYS A 448 -11.59 16.19 13.67
N LEU A 449 -10.40 16.64 13.27
CA LEU A 449 -10.24 17.28 11.95
C LEU A 449 -10.72 16.35 10.85
N ILE A 450 -10.30 15.09 10.86
CA ILE A 450 -10.73 14.10 9.90
C ILE A 450 -12.22 13.75 10.07
N ALA A 451 -12.75 13.67 11.28
CA ALA A 451 -14.18 13.35 11.44
C ALA A 451 -15.02 14.46 10.83
N ASP A 452 -14.56 15.70 11.00
CA ASP A 452 -15.22 16.86 10.39
C ASP A 452 -15.30 16.81 8.87
N THR A 453 -14.39 16.14 8.16
CA THR A 453 -14.40 16.10 6.72
C THR A 453 -15.66 15.55 6.09
N LEU A 454 -16.39 14.60 6.69
CA LEU A 454 -17.60 14.09 6.03
C LEU A 454 -18.86 14.74 6.59
N LYS A 455 -18.67 15.75 7.44
CA LYS A 455 -19.74 16.56 8.02
C LYS A 455 -19.94 17.87 7.26
N VAL A 456 -19.07 18.17 6.31
CA VAL A 456 -19.19 19.28 5.38
C VAL A 456 -19.52 18.60 4.05
N ALA A 457 -20.16 19.23 3.09
CA ALA A 457 -20.43 18.57 1.80
C ALA A 457 -19.81 19.46 0.71
N ASP A 458 -18.61 19.90 1.04
CA ASP A 458 -17.85 20.86 0.23
C ASP A 458 -16.43 20.37 0.03
N ASP A 459 -15.97 20.30 -1.23
CA ASP A 459 -14.62 19.85 -1.54
C ASP A 459 -13.55 20.78 -0.98
N THR A 460 -13.80 22.07 -1.07
CA THR A 460 -12.84 23.06 -0.58
C THR A 460 -12.67 22.94 0.93
N GLN A 461 -13.81 22.92 1.61
CA GLN A 461 -13.78 22.79 3.08
C GLN A 461 -13.07 21.50 3.46
N ARG A 462 -13.37 20.41 2.76
CA ARG A 462 -12.71 19.13 2.95
C ARG A 462 -11.19 19.21 2.69
N SER A 463 -10.76 19.81 1.59
CA SER A 463 -9.34 19.97 1.31
C SER A 463 -8.66 20.85 2.34
N GLU A 464 -9.34 21.89 2.80
CA GLU A 464 -8.73 22.73 3.85
C GLU A 464 -8.55 21.91 5.14
N LEU A 465 -9.51 21.06 5.47
CA LEU A 465 -9.42 20.20 6.64
C LEU A 465 -8.29 19.17 6.51
N TYR A 466 -8.09 18.63 5.30
CA TYR A 466 -6.98 17.66 5.13
C TYR A 466 -5.67 18.44 5.32
N ALA A 467 -5.62 19.66 4.73
CA ALA A 467 -4.42 20.48 4.91
C ALA A 467 -4.17 20.73 6.39
N LYS A 468 -5.21 21.04 7.16
CA LYS A 468 -4.99 21.27 8.59
C LYS A 468 -4.60 19.99 9.31
N ALA A 469 -5.15 18.85 8.84
CA ALA A 469 -4.77 17.59 9.48
C ALA A 469 -3.27 17.38 9.25
N GLU A 470 -2.79 17.68 8.02
CA GLU A 470 -1.35 17.48 7.78
C GLU A 470 -0.51 18.40 8.66
N GLN A 471 -1.00 19.64 8.84
CA GLN A 471 -0.36 20.57 9.76
C GLN A 471 -0.39 20.00 11.20
N GLN A 472 -1.45 19.36 11.65
CA GLN A 472 -1.44 18.82 13.03
C GLN A 472 -0.39 17.72 13.19
N LEU A 473 -0.33 16.84 12.21
CA LEU A 473 0.68 15.77 12.16
C LEU A 473 2.08 16.36 12.18
N ASP A 474 2.36 17.37 11.35
CA ASP A 474 3.65 18.02 11.29
C ASP A 474 4.01 18.74 12.58
N LYS A 475 3.02 19.41 13.14
CA LYS A 475 3.20 20.10 14.42
C LYS A 475 3.65 19.08 15.48
N ASP A 476 3.04 17.92 15.49
CA ASP A 476 3.34 16.88 16.46
C ASP A 476 4.55 16.02 16.06
N SER A 477 5.06 16.23 14.86
CA SER A 477 6.17 15.49 14.30
C SER A 477 5.94 14.00 14.52
N ALA A 478 4.78 13.52 14.09
CA ALA A 478 4.42 12.11 14.22
C ALA A 478 5.43 11.24 13.47
N ILE A 479 5.83 11.70 12.28
CA ILE A 479 6.79 10.96 11.48
C ILE A 479 7.92 11.85 10.96
N VAL A 480 8.84 11.30 10.20
CA VAL A 480 9.91 11.97 9.51
C VAL A 480 9.70 11.74 8.01
N PRO A 481 9.01 12.65 7.36
CA PRO A 481 8.83 12.53 5.91
C PRO A 481 10.17 12.61 5.23
N VAL A 482 10.40 11.71 4.25
CA VAL A 482 11.68 11.73 3.53
C VAL A 482 11.49 12.10 2.05
N TYR A 483 10.76 11.32 1.24
CA TYR A 483 10.53 11.70 -0.14
C TYR A 483 9.19 11.12 -0.61
N TYR A 484 8.66 11.67 -1.68
CA TYR A 484 7.45 11.10 -2.30
C TYR A 484 8.05 10.20 -3.38
N TYR A 485 7.69 8.93 -3.48
CA TYR A 485 8.29 8.05 -4.45
C TYR A 485 7.89 8.45 -5.87
N VAL A 486 8.69 7.93 -6.78
CA VAL A 486 8.40 7.74 -8.17
C VAL A 486 8.27 6.21 -8.31
N ASN A 487 7.50 5.76 -9.29
CA ASN A 487 7.36 4.33 -9.55
C ASN A 487 8.42 3.94 -10.58
N ALA A 488 9.57 3.46 -10.13
CA ALA A 488 10.69 3.17 -11.00
C ALA A 488 10.98 1.66 -11.03
N ARG A 489 10.86 1.09 -12.20
CA ARG A 489 11.13 -0.35 -12.31
C ARG A 489 11.66 -0.63 -13.73
N LEU A 490 12.09 -1.86 -13.96
CA LEU A 490 12.53 -2.22 -15.30
C LEU A 490 11.48 -3.15 -15.89
N VAL A 491 11.14 -2.95 -17.16
CA VAL A 491 10.12 -3.75 -17.84
C VAL A 491 10.64 -4.15 -19.20
N LYS A 492 10.64 -5.42 -19.58
CA LYS A 492 11.27 -5.84 -20.87
C LYS A 492 10.53 -5.17 -22.00
N PRO A 493 11.19 -4.90 -23.15
CA PRO A 493 10.56 -4.27 -24.29
C PRO A 493 9.42 -5.09 -24.85
N TRP A 494 9.39 -6.40 -24.63
CA TRP A 494 8.29 -7.23 -25.12
C TRP A 494 7.12 -7.31 -24.15
N VAL A 495 7.14 -6.65 -22.99
CA VAL A 495 5.98 -6.73 -22.10
C VAL A 495 5.02 -5.60 -22.51
N GLY A 496 3.88 -5.95 -23.09
CA GLY A 496 2.96 -4.86 -23.45
C GLY A 496 1.85 -4.75 -22.40
N GLY A 497 1.22 -3.59 -22.42
CA GLY A 497 0.07 -3.30 -21.60
C GLY A 497 0.31 -2.61 -20.27
N TYR A 498 1.54 -2.29 -19.92
CA TYR A 498 1.87 -1.56 -18.68
C TYR A 498 2.05 -0.10 -19.10
N THR A 499 1.07 0.75 -18.79
CA THR A 499 1.07 2.12 -19.24
C THR A 499 1.91 3.01 -18.33
N GLY A 500 1.95 2.72 -17.03
CA GLY A 500 2.61 3.60 -16.07
C GLY A 500 1.66 4.75 -15.72
N LYS A 501 0.43 4.78 -16.25
CA LYS A 501 -0.50 5.85 -15.93
C LYS A 501 -1.22 5.69 -14.61
N ASP A 502 -1.26 4.51 -13.99
CA ASP A 502 -1.95 4.31 -12.72
C ASP A 502 -1.04 4.74 -11.58
N PRO A 503 -1.34 5.85 -10.90
CA PRO A 503 -0.49 6.37 -9.84
C PRO A 503 -0.54 5.45 -8.60
N LEU A 504 -1.45 4.48 -8.62
CA LEU A 504 -1.54 3.51 -7.54
C LEU A 504 -0.73 2.25 -7.89
N ASP A 505 -0.38 2.05 -9.15
CA ASP A 505 0.33 0.86 -9.60
C ASP A 505 -0.53 -0.39 -9.31
N ASN A 506 -1.82 -0.33 -9.60
CA ASN A 506 -2.69 -1.49 -9.39
C ASN A 506 -2.62 -2.38 -10.63
N ILE A 507 -1.51 -3.08 -10.84
CA ILE A 507 -1.39 -3.87 -12.10
C ILE A 507 -2.15 -5.18 -12.01
N TYR A 508 -2.78 -5.57 -13.12
CA TYR A 508 -3.47 -6.85 -13.23
C TYR A 508 -2.74 -7.59 -14.37
N VAL A 509 -2.22 -8.79 -14.16
CA VAL A 509 -1.51 -9.53 -15.21
C VAL A 509 -2.47 -9.92 -16.31
N LYS A 510 -3.81 -9.94 -16.03
CA LYS A 510 -4.75 -10.19 -17.15
C LYS A 510 -4.74 -9.05 -18.18
N ASN A 511 -4.12 -7.91 -17.92
CA ASN A 511 -4.08 -6.83 -18.88
C ASN A 511 -2.78 -6.79 -19.67
N LEU A 512 -1.83 -7.65 -19.36
CA LEU A 512 -0.53 -7.66 -20.02
C LEU A 512 -0.45 -8.69 -21.15
N TYR A 513 0.56 -8.60 -21.98
CA TYR A 513 0.79 -9.52 -23.09
C TYR A 513 2.25 -9.58 -23.48
N ILE A 514 2.68 -10.70 -24.05
CA ILE A 514 4.07 -10.79 -24.50
C ILE A 514 4.12 -10.61 -26.02
N ILE A 515 4.90 -9.63 -26.43
CA ILE A 515 5.12 -9.34 -27.86
C ILE A 515 6.17 -10.31 -28.39
N LYS A 516 6.00 -10.81 -29.62
CA LYS A 516 6.96 -11.73 -30.18
C LYS A 516 8.38 -11.15 -30.15
N HIS A 517 9.34 -11.88 -29.66
CA HIS A 517 10.73 -11.37 -29.67
C HIS A 517 11.68 -12.56 -29.74
N LYS B 1 -1.69 1.03 1.47
CA LYS B 1 -1.01 -0.29 1.74
C LYS B 1 0.46 -0.09 2.07
N ALC B 2 1.11 -0.97 2.82
CA ALC B 2 2.50 -0.88 3.19
C ALC B 2 3.48 -1.25 2.07
O ALC B 2 3.40 -2.28 1.38
CB ALC B 2 2.83 -1.76 4.41
CG ALC B 2 2.43 -1.05 5.76
CD2 ALC B 2 3.22 -1.74 6.91
CE2 ALC B 2 2.78 -1.24 8.30
CZ ALC B 2 1.27 -1.39 8.51
CE1 ALC B 2 0.44 -0.81 7.34
CD1 ALC B 2 0.93 -1.36 6.01
N LYS B 3 4.48 -0.38 1.86
CA LYS B 3 5.50 -0.61 0.89
C LYS B 3 6.89 -0.63 1.58
U U1 C . -11.04 13.39 -9.25
U U1 D . -17.44 13.93 -8.05
U U1 E . -18.65 16.45 -4.94
U U1 F . 24.84 -4.13 -2.12
U U1 G . 15.98 0.39 21.37
U U1 H . 13.25 -15.35 -29.83
U U1 I . 11.63 -18.92 -28.77
U U1 J . 7.17 -21.59 -31.07
#